data_8HEO
#
_entry.id   8HEO
#
_cell.length_a   40.818
_cell.length_b   87.932
_cell.length_c   59.698
_cell.angle_alpha   90
_cell.angle_beta   101.573
_cell.angle_gamma   90
#
_symmetry.space_group_name_H-M   'P 1 21 1'
#
loop_
_entity.id
_entity.type
_entity.pdbx_description
1 polymer 'E3 ubiquitin-protein ligase SIAH1'
2 polymer 'Peptide from Axin-2'
3 non-polymer 'ZINC ION'
4 water water
#
loop_
_entity_poly.entity_id
_entity_poly.type
_entity_poly.pdbx_seq_one_letter_code
_entity_poly.pdbx_strand_id
1 'polypeptide(L)'
;KVANSVLFPCKYASSGCEITLPHTEKADHEELCEFRPYSCPCPGASCKWQGSLDAVMPHLMHQHKSITTLQGEDIVFLAT
DINLPGAVDWVMMQSCFGFHFMLVLEKQEKYDGHQQFFAIVQLIGTRKQAENFAYRLELNGHRRRLTWEATPRSIHEGIA
TAIMNSDCLVFDTSIAQLFAENGNLGINVTISMC
;
A,B
2 'polypeptide(L)' HRLPKEMTPVEPATFAAELIS G
#
loop_
_chem_comp.id
_chem_comp.type
_chem_comp.name
_chem_comp.formula
ZN non-polymer 'ZINC ION' 'Zn 2'
#
# COMPACT_ATOMS: atom_id res chain seq x y z
N SER A 5 -5.65 -9.21 -42.94
CA SER A 5 -6.16 -9.18 -41.57
C SER A 5 -5.38 -10.15 -40.68
N VAL A 6 -4.16 -9.76 -40.29
CA VAL A 6 -3.31 -10.62 -39.46
C VAL A 6 -3.70 -10.47 -37.99
N LEU A 7 -3.88 -11.59 -37.30
CA LEU A 7 -4.44 -11.59 -35.95
C LEU A 7 -3.38 -11.75 -34.87
N PHE A 8 -3.65 -11.13 -33.72
CA PHE A 8 -2.78 -11.19 -32.56
C PHE A 8 -3.53 -11.73 -31.36
N PRO A 9 -2.85 -12.43 -30.46
CA PRO A 9 -3.47 -12.80 -29.19
C PRO A 9 -3.60 -11.58 -28.27
N CYS A 10 -4.61 -11.63 -27.40
CA CYS A 10 -4.80 -10.58 -26.40
C CYS A 10 -3.58 -10.50 -25.48
N LYS A 11 -3.32 -9.30 -24.96
CA LYS A 11 -2.19 -9.11 -24.06
C LYS A 11 -2.25 -10.07 -22.89
N TYR A 12 -3.44 -10.48 -22.49
CA TYR A 12 -3.58 -11.23 -21.26
C TYR A 12 -3.78 -12.71 -21.52
N ALA A 13 -3.47 -13.15 -22.73
CA ALA A 13 -3.56 -14.58 -23.05
C ALA A 13 -2.70 -15.40 -22.11
N SER A 14 -1.64 -14.81 -21.55
CA SER A 14 -0.91 -15.58 -20.55
C SER A 14 -1.65 -15.72 -19.24
N SER A 15 -2.88 -15.24 -19.15
CA SER A 15 -3.72 -15.48 -17.97
C SER A 15 -4.89 -16.38 -18.28
N GLY A 16 -5.00 -16.86 -19.51
CA GLY A 16 -6.08 -17.73 -19.93
C GLY A 16 -6.87 -17.22 -21.11
N CYS A 17 -6.66 -15.99 -21.56
CA CYS A 17 -7.55 -15.45 -22.57
C CYS A 17 -7.18 -15.98 -23.94
N GLU A 18 -8.18 -16.37 -24.70
CA GLU A 18 -7.95 -17.10 -25.93
C GLU A 18 -8.37 -16.31 -27.16
N ILE A 19 -8.53 -15.00 -27.05
CA ILE A 19 -9.06 -14.24 -28.17
C ILE A 19 -7.90 -13.73 -29.03
N THR A 20 -8.17 -13.59 -30.34
CA THR A 20 -7.20 -13.04 -31.27
C THR A 20 -7.87 -12.03 -32.20
N LEU A 21 -7.27 -10.84 -32.31
CA LEU A 21 -7.86 -9.72 -33.02
C LEU A 21 -6.81 -9.04 -33.91
N PRO A 22 -7.25 -8.26 -34.88
CA PRO A 22 -6.30 -7.49 -35.70
C PRO A 22 -5.67 -6.35 -34.91
N HIS A 23 -4.36 -6.14 -35.14
CA HIS A 23 -3.47 -5.22 -34.40
C HIS A 23 -4.11 -3.89 -34.06
N THR A 24 -5.06 -3.47 -34.90
CA THR A 24 -5.80 -2.26 -34.61
C THR A 24 -6.75 -2.47 -33.44
N GLU A 25 -7.65 -3.46 -33.56
CA GLU A 25 -8.79 -3.58 -32.66
C GLU A 25 -8.46 -4.24 -31.33
N LYS A 26 -7.20 -4.18 -30.92
CA LYS A 26 -6.86 -4.70 -29.61
C LYS A 26 -7.51 -3.87 -28.52
N ALA A 27 -7.39 -2.53 -28.62
CA ALA A 27 -7.83 -1.59 -27.59
C ALA A 27 -9.09 -2.08 -26.89
N ASP A 28 -10.12 -2.40 -27.66
CA ASP A 28 -11.43 -2.68 -27.08
C ASP A 28 -11.38 -3.86 -26.14
N HIS A 29 -11.16 -5.04 -26.71
CA HIS A 29 -11.07 -6.23 -25.88
C HIS A 29 -9.98 -6.10 -24.81
N GLU A 30 -8.86 -5.46 -25.15
CA GLU A 30 -7.70 -5.50 -24.27
C GLU A 30 -8.00 -4.89 -22.88
N GLU A 31 -8.95 -3.97 -22.78
CA GLU A 31 -9.27 -3.49 -21.45
C GLU A 31 -10.69 -3.77 -21.04
N LEU A 32 -11.45 -4.44 -21.86
CA LEU A 32 -12.67 -5.07 -21.40
C LEU A 32 -12.46 -6.52 -20.99
N CYS A 33 -11.37 -7.13 -21.44
CA CYS A 33 -11.12 -8.55 -21.21
C CYS A 33 -11.16 -8.88 -19.73
N GLU A 34 -11.90 -9.93 -19.38
CA GLU A 34 -12.03 -10.31 -17.98
C GLU A 34 -10.73 -10.80 -17.39
N PHE A 35 -9.77 -11.21 -18.22
CA PHE A 35 -8.49 -11.68 -17.74
C PHE A 35 -7.51 -10.56 -17.42
N ARG A 36 -7.88 -9.32 -17.65
CA ARG A 36 -7.03 -8.22 -17.23
C ARG A 36 -6.94 -8.20 -15.70
N PRO A 37 -5.75 -8.01 -15.13
CA PRO A 37 -5.64 -7.99 -13.66
C PRO A 37 -6.37 -6.82 -13.03
N TYR A 38 -6.80 -7.01 -11.78
CA TYR A 38 -7.46 -5.95 -11.05
C TYR A 38 -6.44 -5.20 -10.23
N SER A 39 -6.49 -3.87 -10.28
CA SER A 39 -5.61 -3.08 -9.43
C SER A 39 -6.27 -2.82 -8.07
N CYS A 40 -5.44 -2.56 -7.08
CA CYS A 40 -5.95 -2.38 -5.73
C CYS A 40 -6.99 -1.28 -5.71
N PRO A 41 -8.22 -1.58 -5.32
CA PRO A 41 -9.30 -0.60 -5.42
C PRO A 41 -9.18 0.57 -4.45
N CYS A 42 -8.27 0.51 -3.46
CA CYS A 42 -8.22 1.55 -2.44
C CYS A 42 -7.90 2.90 -3.07
N PRO A 43 -8.58 3.95 -2.65
CA PRO A 43 -8.40 5.26 -3.24
C PRO A 43 -7.00 5.74 -3.06
N GLY A 44 -6.31 5.11 -2.15
CA GLY A 44 -4.90 5.33 -1.98
C GLY A 44 -4.29 4.86 -3.28
N ALA A 45 -3.85 5.80 -4.10
CA ALA A 45 -3.06 5.50 -5.27
C ALA A 45 -1.59 5.34 -5.00
N SER A 46 -1.27 4.53 -4.00
CA SER A 46 0.00 4.49 -3.32
C SER A 46 0.31 3.03 -3.04
N CYS A 47 -0.73 2.25 -3.00
CA CYS A 47 -0.60 0.81 -2.94
C CYS A 47 -0.89 0.29 -4.34
N LYS A 48 0.14 -0.16 -5.04
CA LYS A 48 -0.01 -0.56 -6.43
C LYS A 48 -0.02 -2.06 -6.61
N TRP A 49 -0.58 -2.79 -5.66
CA TRP A 49 -0.79 -4.22 -5.87
C TRP A 49 -1.69 -4.46 -7.09
N GLN A 50 -1.47 -5.59 -7.74
CA GLN A 50 -2.37 -6.10 -8.76
C GLN A 50 -2.52 -7.59 -8.56
N GLY A 51 -3.54 -8.14 -9.18
CA GLY A 51 -3.84 -9.55 -9.06
C GLY A 51 -5.26 -9.83 -9.49
N SER A 52 -5.68 -11.07 -9.27
CA SER A 52 -6.95 -11.53 -9.80
C SER A 52 -8.10 -11.16 -8.89
N LEU A 53 -9.31 -11.17 -9.46
CA LEU A 53 -10.51 -10.76 -8.74
C LEU A 53 -10.65 -11.51 -7.41
N ASP A 54 -10.48 -12.83 -7.43
CA ASP A 54 -10.58 -13.60 -6.19
C ASP A 54 -9.54 -13.18 -5.18
N ALA A 55 -8.47 -12.59 -5.63
CA ALA A 55 -7.42 -12.20 -4.74
C ALA A 55 -7.64 -10.83 -4.09
N VAL A 56 -8.61 -10.05 -4.58
CA VAL A 56 -8.80 -8.69 -4.09
C VAL A 56 -9.20 -8.72 -2.62
N MET A 57 -10.19 -9.54 -2.28
CA MET A 57 -10.58 -9.61 -0.88
C MET A 57 -9.41 -10.03 -0.01
N PRO A 58 -8.69 -11.13 -0.30
CA PRO A 58 -7.48 -11.41 0.47
C PRO A 58 -6.59 -10.20 0.67
N HIS A 59 -6.28 -9.48 -0.43
CA HIS A 59 -5.31 -8.38 -0.37
C HIS A 59 -5.78 -7.27 0.55
N LEU A 60 -7.08 -7.04 0.66
CA LEU A 60 -7.54 -6.02 1.59
C LEU A 60 -7.59 -6.55 3.00
N MET A 61 -7.93 -7.82 3.16
CA MET A 61 -7.83 -8.45 4.48
C MET A 61 -6.44 -8.28 5.05
N HIS A 62 -5.42 -8.36 4.19
CA HIS A 62 -4.04 -8.42 4.60
C HIS A 62 -3.39 -7.03 4.66
N GLN A 63 -3.44 -6.26 3.58
CA GLN A 63 -2.66 -5.03 3.53
C GLN A 63 -3.45 -3.78 3.93
N HIS A 64 -4.77 -3.88 4.11
CA HIS A 64 -5.63 -2.75 4.45
C HIS A 64 -6.59 -3.13 5.56
N LYS A 65 -6.03 -3.71 6.62
CA LYS A 65 -6.83 -4.15 7.76
C LYS A 65 -7.67 -3.03 8.37
N SER A 66 -7.24 -1.77 8.22
CA SER A 66 -7.94 -0.64 8.81
C SER A 66 -9.25 -0.27 8.10
N ILE A 67 -9.82 -1.15 7.28
CA ILE A 67 -11.04 -0.83 6.55
C ILE A 67 -12.22 -1.41 7.32
N THR A 68 -13.12 -0.54 7.74
CA THR A 68 -14.34 -0.97 8.44
C THR A 68 -15.32 -1.56 7.44
N THR A 69 -15.94 -2.69 7.80
CA THR A 69 -16.90 -3.37 6.94
C THR A 69 -18.27 -3.36 7.60
N LEU A 70 -19.32 -3.09 6.84
CA LEU A 70 -20.60 -2.79 7.44
C LEU A 70 -21.70 -3.77 7.05
N GLN A 71 -22.73 -3.73 7.90
CA GLN A 71 -23.73 -4.77 8.06
C GLN A 71 -24.42 -5.30 6.80
N GLY A 72 -25.17 -4.42 6.11
CA GLY A 72 -26.15 -4.87 5.13
C GLY A 72 -26.42 -3.79 4.09
N GLU A 73 -27.67 -3.72 3.64
CA GLU A 73 -27.91 -2.97 2.40
C GLU A 73 -28.15 -1.47 2.61
N ASP A 74 -28.53 -1.04 3.80
CA ASP A 74 -28.69 0.38 4.13
C ASP A 74 -27.82 0.64 5.35
N ILE A 75 -26.75 1.43 5.20
CA ILE A 75 -25.84 1.71 6.29
C ILE A 75 -25.54 3.21 6.33
N VAL A 76 -24.85 3.63 7.38
CA VAL A 76 -24.42 5.00 7.50
C VAL A 76 -22.92 4.98 7.71
N PHE A 77 -22.17 5.51 6.76
CA PHE A 77 -20.72 5.65 6.92
C PHE A 77 -20.40 6.98 7.60
N LEU A 78 -19.70 6.90 8.73
CA LEU A 78 -19.27 8.08 9.46
C LEU A 78 -17.84 8.36 9.03
N ALA A 79 -17.69 9.29 8.07
CA ALA A 79 -16.37 9.79 7.71
C ALA A 79 -15.98 10.85 8.73
N THR A 80 -14.95 10.55 9.52
CA THR A 80 -14.57 11.39 10.65
C THR A 80 -13.45 12.33 10.24
N ASP A 81 -13.53 13.56 10.75
CA ASP A 81 -12.46 14.53 10.62
C ASP A 81 -12.28 14.98 9.18
N ILE A 82 -13.38 15.25 8.50
CA ILE A 82 -13.29 15.63 7.10
C ILE A 82 -12.60 16.97 6.89
N ASN A 83 -12.54 17.82 7.91
CA ASN A 83 -11.87 19.12 7.82
C ASN A 83 -10.42 19.08 8.26
N LEU A 84 -9.89 17.92 8.64
CA LEU A 84 -8.48 17.83 9.03
C LEU A 84 -7.59 18.12 7.84
N PRO A 85 -6.67 19.06 7.94
CA PRO A 85 -5.83 19.39 6.77
C PRO A 85 -5.10 18.18 6.22
N GLY A 86 -4.85 17.19 7.08
CA GLY A 86 -4.15 15.99 6.66
C GLY A 86 -5.02 14.91 6.04
N ALA A 87 -6.32 14.95 6.31
CA ALA A 87 -7.20 13.87 5.86
C ALA A 87 -7.49 14.02 4.36
N VAL A 88 -7.49 12.89 3.64
CA VAL A 88 -7.54 12.92 2.18
C VAL A 88 -8.49 11.85 1.63
N ASP A 89 -8.68 10.77 2.36
CA ASP A 89 -9.68 9.82 1.90
C ASP A 89 -10.18 8.96 3.05
N TRP A 90 -11.44 8.55 2.93
CA TRP A 90 -12.04 7.55 3.79
C TRP A 90 -12.46 6.38 2.92
N VAL A 91 -12.44 5.17 3.49
CA VAL A 91 -12.80 3.99 2.73
C VAL A 91 -13.41 2.95 3.65
N MET A 92 -14.37 2.19 3.13
CA MET A 92 -14.98 1.12 3.89
C MET A 92 -15.77 0.20 2.97
N MET A 93 -16.11 -0.98 3.49
CA MET A 93 -16.76 -2.01 2.72
C MET A 93 -18.14 -2.33 3.25
N GLN A 94 -19.08 -2.54 2.35
CA GLN A 94 -20.46 -2.80 2.68
C GLN A 94 -20.80 -4.17 2.11
N SER A 95 -21.29 -5.04 2.98
CA SER A 95 -21.56 -6.42 2.59
C SER A 95 -23.07 -6.58 2.50
N CYS A 96 -23.53 -6.94 1.32
CA CYS A 96 -24.95 -7.21 1.14
C CYS A 96 -25.11 -7.93 -0.18
N PHE A 97 -26.23 -8.62 -0.32
CA PHE A 97 -26.53 -9.37 -1.53
C PHE A 97 -25.40 -10.31 -1.90
N GLY A 98 -24.70 -10.83 -0.89
CA GLY A 98 -23.59 -11.72 -1.17
C GLY A 98 -22.46 -11.12 -1.96
N PHE A 99 -22.37 -9.81 -2.03
CA PHE A 99 -21.22 -9.14 -2.58
C PHE A 99 -20.69 -8.12 -1.59
N HIS A 100 -19.58 -7.48 -1.98
CA HIS A 100 -18.98 -6.38 -1.24
C HIS A 100 -18.90 -5.15 -2.12
N PHE A 101 -19.35 -4.03 -1.59
CA PHE A 101 -19.30 -2.75 -2.28
C PHE A 101 -18.32 -1.87 -1.52
N MET A 102 -17.26 -1.45 -2.20
CA MET A 102 -16.30 -0.54 -1.59
C MET A 102 -16.78 0.89 -1.76
N LEU A 103 -16.96 1.58 -0.64
CA LEU A 103 -17.29 2.99 -0.62
C LEU A 103 -16.01 3.78 -0.39
N VAL A 104 -15.71 4.72 -1.28
CA VAL A 104 -14.53 5.56 -1.10
C VAL A 104 -14.96 7.02 -1.16
N LEU A 105 -14.39 7.85 -0.28
CA LEU A 105 -14.59 9.29 -0.23
C LEU A 105 -13.22 9.93 -0.39
N GLU A 106 -13.02 10.66 -1.48
CA GLU A 106 -11.72 11.25 -1.79
C GLU A 106 -11.80 12.77 -1.65
N LYS A 107 -10.93 13.33 -0.82
CA LYS A 107 -10.84 14.77 -0.70
C LYS A 107 -9.76 15.26 -1.66
N GLN A 108 -10.11 16.21 -2.51
CA GLN A 108 -9.13 16.79 -3.42
C GLN A 108 -9.14 18.30 -3.30
N GLU A 109 -8.06 18.91 -3.74
CA GLU A 109 -7.86 20.35 -3.65
C GLU A 109 -7.90 21.00 -5.04
N LYS A 110 -8.85 21.90 -5.26
CA LYS A 110 -8.86 22.70 -6.51
C LYS A 110 -8.92 24.22 -6.32
N TYR A 111 -9.43 24.97 -7.32
CA TYR A 111 -9.24 26.44 -7.39
C TYR A 111 -9.19 27.17 -6.04
N ASP A 112 -10.23 27.02 -5.22
CA ASP A 112 -10.28 27.65 -3.90
C ASP A 112 -9.06 27.27 -3.05
N GLY A 113 -8.93 27.92 -1.90
CA GLY A 113 -8.05 27.31 -0.91
C GLY A 113 -8.65 26.08 -0.27
N HIS A 114 -9.92 25.80 -0.59
CA HIS A 114 -10.72 24.73 -0.03
C HIS A 114 -10.64 23.48 -0.91
N GLN A 115 -11.45 22.50 -0.56
CA GLN A 115 -11.37 21.20 -1.18
C GLN A 115 -12.74 20.72 -1.64
N GLN A 116 -12.73 19.73 -2.51
CA GLN A 116 -13.96 19.08 -2.90
C GLN A 116 -13.86 17.63 -2.47
N PHE A 117 -14.97 17.11 -2.01
CA PHE A 117 -15.04 15.68 -1.79
C PHE A 117 -15.67 15.04 -3.01
N PHE A 118 -15.25 13.82 -3.30
CA PHE A 118 -15.90 12.98 -4.29
C PHE A 118 -16.27 11.68 -3.60
N ALA A 119 -17.49 11.21 -3.83
CA ALA A 119 -17.95 9.97 -3.21
C ALA A 119 -18.54 9.06 -4.27
N ILE A 120 -18.15 7.78 -4.22
CA ILE A 120 -18.53 6.82 -5.24
C ILE A 120 -18.37 5.43 -4.65
N VAL A 121 -19.16 4.48 -5.12
CA VAL A 121 -19.02 3.12 -4.66
C VAL A 121 -18.71 2.23 -5.85
N GLN A 122 -17.94 1.19 -5.61
CA GLN A 122 -17.62 0.23 -6.65
C GLN A 122 -17.97 -1.17 -6.14
N LEU A 123 -18.24 -2.08 -7.08
CA LEU A 123 -18.53 -3.46 -6.75
C LEU A 123 -17.26 -4.31 -6.81
N ILE A 124 -17.05 -5.16 -5.80
CA ILE A 124 -16.04 -6.20 -5.92
C ILE A 124 -16.56 -7.29 -6.83
N GLY A 125 -16.39 -7.11 -8.12
CA GLY A 125 -17.02 -8.00 -9.07
C GLY A 125 -16.80 -7.51 -10.48
N THR A 126 -17.35 -8.27 -11.43
CA THR A 126 -17.10 -7.99 -12.83
C THR A 126 -17.84 -6.72 -13.26
N ARG A 127 -17.49 -6.25 -14.46
CA ARG A 127 -18.29 -5.19 -15.09
C ARG A 127 -19.73 -5.66 -15.30
N LYS A 128 -19.92 -6.91 -15.73
CA LYS A 128 -21.28 -7.40 -15.97
C LYS A 128 -22.07 -7.53 -14.67
N GLN A 129 -21.44 -8.07 -13.61
CA GLN A 129 -22.08 -8.17 -12.31
C GLN A 129 -22.52 -6.82 -11.76
N ALA A 130 -21.81 -5.75 -12.11
CA ALA A 130 -22.09 -4.45 -11.50
C ALA A 130 -23.33 -3.81 -12.09
N GLU A 131 -23.66 -4.11 -13.35
CA GLU A 131 -24.85 -3.52 -13.95
C GLU A 131 -26.14 -4.02 -13.30
N ASN A 132 -26.11 -5.07 -12.51
CA ASN A 132 -27.32 -5.54 -11.82
C ASN A 132 -27.55 -4.81 -10.51
N PHE A 133 -26.83 -3.72 -10.25
CA PHE A 133 -26.99 -3.00 -9.00
C PHE A 133 -27.18 -1.51 -9.25
N ALA A 134 -27.68 -0.84 -8.22
CA ALA A 134 -27.59 0.61 -8.14
C ALA A 134 -27.29 0.97 -6.69
N TYR A 135 -26.68 2.14 -6.51
CA TYR A 135 -26.36 2.63 -5.18
C TYR A 135 -26.87 4.06 -5.01
N ARG A 136 -27.13 4.46 -3.76
CA ARG A 136 -27.61 5.81 -3.48
C ARG A 136 -26.77 6.39 -2.35
N LEU A 137 -26.33 7.63 -2.50
CA LEU A 137 -25.57 8.30 -1.47
C LEU A 137 -26.37 9.50 -1.00
N GLU A 138 -26.53 9.61 0.33
CA GLU A 138 -27.36 10.60 0.97
C GLU A 138 -26.54 11.36 1.97
N LEU A 139 -26.51 12.68 1.84
CA LEU A 139 -26.09 13.55 2.91
C LEU A 139 -27.36 14.17 3.47
N ASN A 140 -27.58 14.01 4.78
CA ASN A 140 -28.81 14.44 5.43
C ASN A 140 -28.51 15.51 6.47
N GLY A 141 -29.41 16.49 6.57
CA GLY A 141 -29.31 17.51 7.58
C GLY A 141 -30.67 18.12 7.84
N HIS A 142 -30.67 19.15 8.67
CA HIS A 142 -31.91 19.80 9.08
C HIS A 142 -32.63 20.37 7.87
N ARG A 143 -33.69 19.70 7.42
CA ARG A 143 -34.48 20.14 6.28
C ARG A 143 -33.64 20.23 5.00
N ARG A 144 -32.65 19.34 4.87
CA ARG A 144 -31.77 19.33 3.73
C ARG A 144 -31.37 17.92 3.41
N ARG A 145 -31.33 17.61 2.13
CA ARG A 145 -30.89 16.32 1.61
C ARG A 145 -30.26 16.53 0.25
N LEU A 146 -29.06 15.97 0.09
CA LEU A 146 -28.34 15.90 -1.16
C LEU A 146 -28.18 14.43 -1.46
N THR A 147 -28.67 14.00 -2.62
CA THR A 147 -28.72 12.58 -2.95
C THR A 147 -28.03 12.39 -4.28
N TRP A 148 -27.34 11.25 -4.40
CA TRP A 148 -26.79 10.82 -5.67
C TRP A 148 -27.06 9.33 -5.85
N GLU A 149 -27.66 8.94 -6.98
CA GLU A 149 -27.87 7.52 -7.26
C GLU A 149 -27.37 7.19 -8.66
N ALA A 150 -26.69 6.07 -8.78
CA ALA A 150 -26.05 5.70 -10.03
C ALA A 150 -25.80 4.20 -10.02
N THR A 151 -25.07 3.73 -11.01
CA THR A 151 -24.70 2.34 -11.04
C THR A 151 -23.26 2.18 -10.56
N PRO A 152 -22.99 1.43 -9.49
CA PRO A 152 -21.61 1.31 -9.03
C PRO A 152 -20.72 0.88 -10.19
N ARG A 153 -19.51 1.40 -10.20
CA ARG A 153 -18.55 0.92 -11.17
C ARG A 153 -17.92 -0.35 -10.68
N SER A 154 -17.63 -1.27 -11.59
CA SER A 154 -16.85 -2.44 -11.25
C SER A 154 -15.41 -2.06 -10.96
N ILE A 155 -14.81 -2.70 -9.96
CA ILE A 155 -13.40 -2.43 -9.67
C ILE A 155 -12.52 -2.71 -10.89
N HIS A 156 -12.97 -3.58 -11.79
CA HIS A 156 -12.29 -3.76 -13.07
C HIS A 156 -12.13 -2.43 -13.82
N GLU A 157 -13.17 -1.58 -13.80
CA GLU A 157 -13.12 -0.29 -14.49
C GLU A 157 -12.51 0.81 -13.62
N GLY A 158 -12.68 0.73 -12.31
CA GLY A 158 -12.15 1.71 -11.39
C GLY A 158 -12.96 3.01 -11.31
N ILE A 159 -12.57 3.84 -10.35
CA ILE A 159 -13.26 5.09 -10.07
C ILE A 159 -12.51 6.30 -10.58
N ALA A 160 -11.27 6.13 -11.03
CA ALA A 160 -10.45 7.29 -11.41
C ALA A 160 -11.07 8.03 -12.59
N THR A 161 -11.49 7.30 -13.61
CA THR A 161 -12.11 7.97 -14.73
C THR A 161 -13.49 8.51 -14.39
N ALA A 162 -14.11 8.06 -13.31
CA ALA A 162 -15.38 8.63 -12.89
C ALA A 162 -15.20 9.85 -12.00
N ILE A 163 -14.17 9.84 -11.14
CA ILE A 163 -13.80 11.02 -10.38
C ILE A 163 -13.44 12.15 -11.32
N MET A 164 -12.67 11.84 -12.36
CA MET A 164 -12.28 12.82 -13.35
C MET A 164 -13.47 13.57 -13.94
N ASN A 165 -14.53 12.85 -14.27
CA ASN A 165 -15.67 13.45 -14.95
C ASN A 165 -16.81 13.83 -14.02
N SER A 166 -16.57 13.85 -12.71
CA SER A 166 -17.57 14.19 -11.71
C SER A 166 -18.77 13.24 -11.73
N ASP A 167 -18.53 12.00 -12.12
CA ASP A 167 -19.60 11.02 -12.29
C ASP A 167 -19.86 10.25 -10.99
N CYS A 168 -20.18 10.99 -9.94
CA CYS A 168 -20.33 10.50 -8.57
C CYS A 168 -20.91 11.66 -7.78
N LEU A 169 -21.16 11.44 -6.46
CA LEU A 169 -21.59 12.54 -5.62
C LEU A 169 -20.41 13.48 -5.49
N VAL A 170 -20.66 14.79 -5.54
CA VAL A 170 -19.57 15.76 -5.59
C VAL A 170 -19.93 16.95 -4.72
N PHE A 171 -19.06 17.30 -3.78
CA PHE A 171 -19.37 18.45 -2.95
C PHE A 171 -18.09 19.11 -2.46
N ASP A 172 -18.20 20.37 -2.11
CA ASP A 172 -17.07 21.12 -1.58
C ASP A 172 -17.21 21.25 -0.07
N THR A 173 -16.26 21.97 0.54
CA THR A 173 -16.21 22.00 2.00
C THR A 173 -17.39 22.75 2.60
N SER A 174 -17.90 23.80 1.96
CA SER A 174 -19.04 24.49 2.56
C SER A 174 -20.28 23.60 2.58
N ILE A 175 -20.45 22.75 1.56
CA ILE A 175 -21.52 21.76 1.59
C ILE A 175 -21.29 20.76 2.72
N ALA A 176 -20.04 20.31 2.86
CA ALA A 176 -19.71 19.43 3.97
C ALA A 176 -20.16 20.02 5.29
N GLN A 177 -19.81 21.30 5.57
CA GLN A 177 -20.10 21.86 6.88
C GLN A 177 -21.56 22.07 7.08
N LEU A 178 -22.30 22.17 5.99
CA LEU A 178 -23.74 22.14 6.12
C LEU A 178 -24.22 20.80 6.68
N PHE A 179 -23.63 19.69 6.24
CA PHE A 179 -24.06 18.39 6.72
C PHE A 179 -23.14 17.78 7.77
N ALA A 180 -21.94 18.31 7.97
CA ALA A 180 -21.05 17.78 8.98
C ALA A 180 -21.58 18.10 10.37
N GLU A 181 -21.59 17.10 11.23
CA GLU A 181 -21.80 17.29 12.65
C GLU A 181 -20.43 17.22 13.33
N ASN A 182 -20.06 18.26 14.05
CA ASN A 182 -18.71 18.39 14.60
C ASN A 182 -17.77 18.33 13.40
N GLY A 183 -16.85 17.38 13.31
CA GLY A 183 -15.99 17.34 12.14
C GLY A 183 -16.20 16.10 11.31
N ASN A 184 -17.33 15.44 11.57
CA ASN A 184 -17.69 14.17 10.98
C ASN A 184 -18.85 14.33 10.03
N LEU A 185 -18.87 13.50 8.99
CA LEU A 185 -19.85 13.57 7.94
C LEU A 185 -20.51 12.20 7.81
N GLY A 186 -21.83 12.17 8.00
CA GLY A 186 -22.59 10.94 7.91
C GLY A 186 -23.17 10.76 6.52
N ILE A 187 -22.78 9.68 5.86
CA ILE A 187 -23.16 9.41 4.48
C ILE A 187 -24.03 8.17 4.46
N ASN A 188 -25.30 8.35 4.14
CA ASN A 188 -26.21 7.21 4.01
C ASN A 188 -25.99 6.50 2.68
N VAL A 189 -25.65 5.21 2.74
CA VAL A 189 -25.40 4.40 1.55
C VAL A 189 -26.45 3.31 1.44
N THR A 190 -27.15 3.28 0.31
CA THR A 190 -28.15 2.26 0.03
C THR A 190 -27.81 1.58 -1.29
N ILE A 191 -27.59 0.27 -1.24
CA ILE A 191 -27.40 -0.55 -2.42
C ILE A 191 -28.70 -1.25 -2.74
N SER A 192 -29.02 -1.38 -4.01
CA SER A 192 -30.22 -2.12 -4.38
C SER A 192 -29.92 -2.95 -5.62
N MET A 193 -30.82 -3.88 -5.92
CA MET A 193 -30.73 -4.68 -7.12
C MET A 193 -31.67 -4.11 -8.19
N CYS A 194 -31.40 -4.48 -9.44
CA CYS A 194 -32.18 -3.99 -10.57
C CYS A 194 -31.89 -4.78 -11.83
N SER B 5 -4.73 23.66 -15.98
CA SER B 5 -3.40 24.26 -16.16
C SER B 5 -2.98 25.15 -15.00
N VAL B 6 -3.73 25.09 -13.91
CA VAL B 6 -3.42 25.83 -12.70
C VAL B 6 -2.52 24.98 -11.83
N LEU B 7 -1.60 25.63 -11.12
CA LEU B 7 -0.54 24.96 -10.38
C LEU B 7 -0.88 24.91 -8.90
N PHE B 8 -0.30 23.94 -8.20
CA PHE B 8 -0.57 23.72 -6.79
C PHE B 8 0.72 23.50 -6.04
N PRO B 9 0.81 23.94 -4.79
CA PRO B 9 2.03 23.68 -4.01
C PRO B 9 2.01 22.28 -3.41
N CYS B 10 3.20 21.74 -3.24
CA CYS B 10 3.33 20.38 -2.71
C CYS B 10 2.85 20.31 -1.27
N LYS B 11 2.35 19.15 -0.89
CA LYS B 11 1.94 18.95 0.49
C LYS B 11 3.10 19.21 1.45
N TYR B 12 4.33 18.98 1.01
CA TYR B 12 5.49 19.14 1.86
C TYR B 12 6.19 20.47 1.65
N ALA B 13 5.46 21.46 1.14
CA ALA B 13 6.01 22.80 0.99
C ALA B 13 6.62 23.29 2.29
N SER B 14 5.96 23.03 3.41
CA SER B 14 6.41 23.56 4.69
C SER B 14 7.74 22.97 5.13
N SER B 15 8.29 22.06 4.32
CA SER B 15 9.58 21.44 4.59
C SER B 15 10.64 21.83 3.57
N GLY B 16 10.41 22.89 2.78
CA GLY B 16 11.39 23.38 1.82
C GLY B 16 11.01 23.11 0.38
N CYS B 17 9.97 22.30 0.16
CA CYS B 17 9.59 21.86 -1.17
C CYS B 17 8.91 23.00 -1.92
N GLU B 18 9.54 23.52 -2.97
CA GLU B 18 9.04 24.71 -3.67
C GLU B 18 8.72 24.45 -5.12
N ILE B 19 8.39 23.22 -5.44
CA ILE B 19 7.83 22.89 -6.74
C ILE B 19 6.33 23.15 -6.70
N THR B 20 5.74 23.47 -7.84
CA THR B 20 4.28 23.56 -7.96
C THR B 20 3.87 22.89 -9.26
N LEU B 21 2.85 22.05 -9.20
CA LEU B 21 2.44 21.22 -10.32
C LEU B 21 0.95 21.31 -10.54
N PRO B 22 0.49 20.96 -11.74
CA PRO B 22 -0.95 20.78 -11.97
C PRO B 22 -1.52 19.72 -11.03
N HIS B 23 -2.82 19.82 -10.76
CA HIS B 23 -3.40 18.92 -9.77
C HIS B 23 -3.33 17.46 -10.18
N THR B 24 -3.06 17.18 -11.45
CA THR B 24 -3.00 15.80 -11.90
C THR B 24 -1.67 15.12 -11.58
N GLU B 25 -0.59 15.88 -11.36
CA GLU B 25 0.72 15.32 -11.04
C GLU B 25 1.08 15.46 -9.57
N LYS B 26 0.20 16.04 -8.76
CA LYS B 26 0.56 16.36 -7.38
C LYS B 26 0.75 15.09 -6.57
N ALA B 27 -0.19 14.15 -6.68
CA ALA B 27 -0.08 12.91 -5.91
C ALA B 27 1.19 12.14 -6.28
N ASP B 28 1.52 12.10 -7.59
CA ASP B 28 2.75 11.49 -8.06
C ASP B 28 3.95 12.07 -7.33
N HIS B 29 4.29 13.32 -7.66
CA HIS B 29 5.45 13.96 -7.05
C HIS B 29 5.46 13.79 -5.54
N GLU B 30 4.28 13.86 -4.91
CA GLU B 30 4.29 13.81 -3.45
C GLU B 30 4.61 12.40 -2.94
N GLU B 31 4.49 11.38 -3.79
CA GLU B 31 4.88 10.03 -3.40
C GLU B 31 6.41 9.92 -3.29
N LEU B 32 7.13 10.66 -4.13
CA LEU B 32 8.57 10.59 -4.26
C LEU B 32 9.31 11.75 -3.60
N CYS B 33 8.59 12.76 -3.12
CA CYS B 33 9.21 14.04 -2.76
C CYS B 33 10.23 13.84 -1.65
N GLU B 34 11.46 14.29 -1.90
CA GLU B 34 12.52 14.05 -0.93
C GLU B 34 12.40 14.95 0.30
N PHE B 35 11.42 15.84 0.33
CA PHE B 35 11.20 16.68 1.51
C PHE B 35 10.21 16.09 2.47
N ARG B 36 9.56 14.99 2.10
CA ARG B 36 8.67 14.30 3.01
C ARG B 36 9.43 13.88 4.26
N PRO B 37 8.98 14.24 5.45
CA PRO B 37 9.62 13.74 6.67
C PRO B 37 9.60 12.22 6.73
N TYR B 38 10.65 11.65 7.31
CA TYR B 38 10.81 10.20 7.36
C TYR B 38 10.02 9.63 8.54
N SER B 39 9.22 8.60 8.27
CA SER B 39 8.69 7.88 9.42
C SER B 39 9.76 6.98 9.97
N CYS B 40 9.49 6.40 11.13
CA CYS B 40 10.46 5.52 11.74
C CYS B 40 10.69 4.31 10.85
N PRO B 41 11.94 3.90 10.62
CA PRO B 41 12.18 2.75 9.75
C PRO B 41 12.02 1.40 10.44
N CYS B 42 11.69 1.35 11.73
CA CYS B 42 11.55 0.07 12.42
C CYS B 42 10.33 -0.68 11.91
N PRO B 43 10.39 -2.01 11.92
CA PRO B 43 9.24 -2.80 11.44
C PRO B 43 8.12 -2.82 12.47
N GLY B 44 6.91 -2.54 12.01
CA GLY B 44 5.70 -2.67 12.80
C GLY B 44 5.10 -1.35 13.24
N ALA B 45 3.77 -1.28 13.19
CA ALA B 45 3.05 -0.14 13.76
C ALA B 45 3.25 -0.09 15.26
N SER B 46 4.29 0.60 15.70
CA SER B 46 4.52 0.77 17.13
C SER B 46 4.98 2.19 17.35
N CYS B 47 6.02 2.59 16.63
CA CYS B 47 6.51 3.96 16.68
C CYS B 47 5.89 4.77 15.55
N LYS B 48 5.64 6.04 15.83
CA LYS B 48 5.09 6.94 14.84
C LYS B 48 5.95 8.19 14.67
N TRP B 49 7.15 8.19 15.23
CA TRP B 49 8.05 9.32 15.11
C TRP B 49 8.28 9.70 13.65
N GLN B 50 8.33 10.99 13.40
CA GLN B 50 8.67 11.56 12.11
C GLN B 50 9.94 12.40 12.26
N GLY B 51 10.45 12.88 11.15
CA GLY B 51 11.56 13.83 11.20
C GLY B 51 12.28 13.91 9.88
N SER B 52 13.38 14.64 9.90
CA SER B 52 14.27 14.73 8.76
C SER B 52 15.27 13.57 8.79
N LEU B 53 15.75 13.19 7.60
CA LEU B 53 16.64 12.04 7.50
C LEU B 53 17.86 12.20 8.40
N ASP B 54 18.42 13.40 8.46
CA ASP B 54 19.56 13.62 9.33
C ASP B 54 19.22 13.39 10.79
N ALA B 55 17.95 13.17 11.12
CA ALA B 55 17.55 12.94 12.49
C ALA B 55 17.30 11.48 12.81
N VAL B 56 17.40 10.58 11.82
CA VAL B 56 16.93 9.21 12.00
C VAL B 56 17.94 8.39 12.82
N MET B 57 19.22 8.48 12.47
CA MET B 57 20.22 7.72 13.20
C MET B 57 20.26 8.04 14.69
N PRO B 58 20.24 9.31 15.14
CA PRO B 58 20.17 9.55 16.59
C PRO B 58 18.86 9.10 17.20
N HIS B 59 17.75 9.18 16.46
CA HIS B 59 16.49 8.60 16.91
C HIS B 59 16.62 7.10 17.17
N LEU B 60 17.59 6.43 16.55
CA LEU B 60 17.87 5.04 16.83
C LEU B 60 19.11 4.86 17.70
N MET B 61 19.74 5.95 18.06
CA MET B 61 20.85 5.87 18.95
C MET B 61 20.11 5.58 20.24
N HIS B 62 19.11 6.40 20.53
CA HIS B 62 18.29 6.24 21.73
C HIS B 62 16.91 5.84 21.27
N GLN B 63 16.01 5.63 22.22
CA GLN B 63 14.68 5.20 21.85
C GLN B 63 14.88 3.84 21.22
N HIS B 64 14.42 3.67 20.00
CA HIS B 64 14.60 2.37 19.39
C HIS B 64 16.14 2.12 19.60
N LYS B 65 16.58 1.21 20.51
CA LYS B 65 17.98 0.89 20.73
C LYS B 65 18.13 -0.59 20.94
N SER B 66 19.18 -1.00 21.60
CA SER B 66 19.38 -2.43 21.78
C SER B 66 19.37 -3.09 20.43
N ILE B 67 19.34 -2.28 19.39
CA ILE B 67 19.32 -2.73 18.00
C ILE B 67 20.78 -2.92 17.63
N THR B 68 21.24 -4.15 17.73
CA THR B 68 22.67 -4.40 17.60
C THR B 68 23.15 -3.89 16.26
N THR B 69 24.33 -3.28 16.27
CA THR B 69 24.91 -2.74 15.05
C THR B 69 26.27 -3.38 14.81
N LEU B 70 26.53 -3.81 13.58
CA LEU B 70 27.75 -4.52 13.25
C LEU B 70 28.54 -3.76 12.21
N GLN B 71 29.86 -3.82 12.32
CA GLN B 71 30.75 -3.19 11.36
C GLN B 71 31.13 -4.19 10.29
N GLY B 72 31.12 -3.74 9.05
CA GLY B 72 31.65 -4.54 7.97
C GLY B 72 30.69 -4.64 6.81
N GLU B 73 31.20 -5.17 5.72
CA GLU B 73 30.42 -5.36 4.51
C GLU B 73 29.89 -6.77 4.37
N ASP B 74 30.54 -7.77 5.00
CA ASP B 74 30.10 -9.16 5.02
C ASP B 74 29.90 -9.56 6.49
N ILE B 75 28.65 -9.71 6.88
CA ILE B 75 28.20 -9.89 8.26
C ILE B 75 27.37 -11.16 8.29
N VAL B 76 27.18 -11.71 9.48
CA VAL B 76 26.21 -12.79 9.63
C VAL B 76 25.21 -12.42 10.71
N PHE B 77 23.96 -12.57 10.37
CA PHE B 77 22.81 -12.04 11.06
C PHE B 77 22.15 -13.26 11.69
N LEU B 78 22.28 -13.40 12.99
CA LEU B 78 21.81 -14.59 13.69
C LEU B 78 20.46 -14.27 14.28
N ALA B 79 19.40 -14.72 13.60
CA ALA B 79 18.03 -14.49 14.04
C ALA B 79 17.59 -15.70 14.84
N THR B 80 17.34 -15.50 16.13
CA THR B 80 17.16 -16.61 17.05
C THR B 80 15.69 -16.91 17.28
N ASP B 81 15.39 -18.20 17.47
CA ASP B 81 14.02 -18.64 17.73
C ASP B 81 13.10 -18.26 16.59
N ILE B 82 13.57 -18.51 15.37
CA ILE B 82 12.73 -18.21 14.21
C ILE B 82 11.47 -19.04 14.23
N ASN B 83 11.50 -20.18 14.92
CA ASN B 83 10.33 -21.03 14.94
C ASN B 83 9.31 -20.52 15.95
N LEU B 84 9.75 -20.18 17.12
CA LEU B 84 8.83 -20.03 18.21
C LEU B 84 7.90 -18.84 17.95
N PRO B 85 6.56 -19.04 17.90
CA PRO B 85 5.64 -17.98 17.46
C PRO B 85 5.61 -16.78 18.40
N GLY B 86 4.79 -15.78 18.04
CA GLY B 86 4.82 -14.50 18.71
C GLY B 86 6.02 -13.64 18.38
N ALA B 87 6.96 -14.17 17.59
CA ALA B 87 8.18 -13.50 17.15
C ALA B 87 7.97 -13.08 15.70
N VAL B 88 7.71 -11.80 15.48
CA VAL B 88 7.22 -11.39 14.17
C VAL B 88 8.30 -10.69 13.38
N ASP B 89 9.30 -10.11 14.05
CA ASP B 89 10.32 -9.41 13.28
C ASP B 89 11.62 -9.39 14.05
N TRP B 90 12.71 -9.61 13.34
CA TRP B 90 14.06 -9.37 13.83
C TRP B 90 14.64 -8.22 13.04
N VAL B 91 15.42 -7.37 13.71
CA VAL B 91 16.02 -6.21 13.06
C VAL B 91 17.39 -5.99 13.64
N MET B 92 18.31 -5.54 12.79
CA MET B 92 19.64 -5.13 13.19
C MET B 92 20.18 -4.17 12.13
N MET B 93 21.37 -3.61 12.40
CA MET B 93 21.96 -2.58 11.55
C MET B 93 23.40 -2.95 11.19
N GLN B 94 23.73 -2.79 9.91
CA GLN B 94 25.05 -3.08 9.38
C GLN B 94 25.64 -1.77 8.91
N SER B 95 26.76 -1.37 9.47
CA SER B 95 27.35 -0.08 9.16
C SER B 95 28.58 -0.29 8.27
N CYS B 96 28.59 0.37 7.13
CA CYS B 96 29.67 0.27 6.17
C CYS B 96 29.52 1.40 5.14
N PHE B 97 30.63 1.71 4.49
CA PHE B 97 30.71 2.79 3.53
C PHE B 97 30.22 4.12 4.11
N GLY B 98 30.40 4.29 5.42
CA GLY B 98 29.94 5.52 6.01
C GLY B 98 28.44 5.63 5.95
N PHE B 99 27.73 4.50 5.91
CA PHE B 99 26.29 4.49 5.98
C PHE B 99 25.86 3.48 7.02
N HIS B 100 24.56 3.44 7.28
CA HIS B 100 23.96 2.40 8.11
C HIS B 100 22.83 1.75 7.33
N PHE B 101 22.93 0.45 7.14
CA PHE B 101 21.88 -0.33 6.48
C PHE B 101 21.11 -1.10 7.52
N MET B 102 19.79 -1.10 7.38
CA MET B 102 18.93 -1.85 8.30
C MET B 102 18.52 -3.17 7.67
N LEU B 103 18.66 -4.23 8.43
CA LEU B 103 18.33 -5.58 7.97
C LEU B 103 17.08 -6.02 8.72
N VAL B 104 16.06 -6.45 8.00
CA VAL B 104 14.78 -6.74 8.61
C VAL B 104 14.37 -8.15 8.19
N LEU B 105 14.14 -9.01 9.19
CA LEU B 105 13.58 -10.34 9.03
C LEU B 105 12.19 -10.31 9.65
N GLU B 106 11.15 -10.24 8.83
CA GLU B 106 9.78 -10.21 9.31
C GLU B 106 9.12 -11.54 9.03
N LYS B 107 8.45 -12.11 10.04
CA LYS B 107 7.62 -13.30 9.88
C LYS B 107 6.15 -12.91 9.84
N GLN B 108 5.44 -13.39 8.81
CA GLN B 108 4.00 -13.16 8.60
C GLN B 108 3.26 -14.49 8.52
N GLU B 109 1.95 -14.43 8.67
CA GLU B 109 1.10 -15.62 8.59
C GLU B 109 -0.27 -15.05 8.24
N LYS B 110 -0.43 -14.74 6.97
CA LYS B 110 -1.65 -14.11 6.54
C LYS B 110 -2.84 -15.06 6.69
N TYR B 111 -2.56 -16.34 6.47
CA TYR B 111 -3.54 -17.41 6.61
C TYR B 111 -3.05 -18.04 7.85
N ASP B 112 -3.93 -18.65 8.65
CA ASP B 112 -3.46 -19.13 9.92
C ASP B 112 -2.63 -20.36 9.75
N GLY B 113 -1.50 -20.39 10.42
CA GLY B 113 -0.64 -21.54 10.41
C GLY B 113 0.21 -21.67 9.18
N HIS B 114 0.11 -20.74 8.21
CA HIS B 114 0.92 -20.77 6.98
C HIS B 114 1.84 -19.55 7.04
N GLN B 115 2.97 -19.73 7.72
CA GLN B 115 3.87 -18.65 8.09
C GLN B 115 4.93 -18.49 7.02
N GLN B 116 5.17 -17.25 6.60
CA GLN B 116 6.23 -16.95 5.66
C GLN B 116 7.22 -15.99 6.27
N PHE B 117 8.48 -16.08 5.81
CA PHE B 117 9.53 -15.16 6.18
C PHE B 117 9.87 -14.23 5.01
N PHE B 118 10.20 -12.99 5.36
CA PHE B 118 10.68 -11.99 4.42
C PHE B 118 11.90 -11.30 5.02
N ALA B 119 13.03 -11.41 4.34
CA ALA B 119 14.23 -10.68 4.71
C ALA B 119 14.55 -9.67 3.63
N ILE B 120 14.95 -8.47 4.05
CA ILE B 120 15.20 -7.37 3.15
C ILE B 120 16.12 -6.39 3.86
N VAL B 121 16.82 -5.56 3.06
CA VAL B 121 17.80 -4.60 3.56
C VAL B 121 17.41 -3.23 3.07
N GLN B 122 17.42 -2.24 3.96
CA GLN B 122 17.15 -0.88 3.52
C GLN B 122 18.25 0.07 4.00
N LEU B 123 18.37 1.20 3.31
CA LEU B 123 19.43 2.17 3.55
C LEU B 123 18.89 3.33 4.35
N ILE B 124 19.58 3.68 5.43
CA ILE B 124 19.26 4.95 6.09
C ILE B 124 19.81 6.03 5.18
N GLY B 125 18.96 6.53 4.28
CA GLY B 125 19.43 7.38 3.21
C GLY B 125 18.36 7.57 2.16
N THR B 126 18.72 8.36 1.16
CA THR B 126 17.75 8.76 0.15
C THR B 126 17.59 7.65 -0.88
N ARG B 127 16.51 7.75 -1.65
CA ARG B 127 16.29 6.82 -2.75
C ARG B 127 17.47 6.82 -3.70
N LYS B 128 17.95 8.00 -4.11
CA LYS B 128 19.10 8.04 -5.02
C LYS B 128 20.36 7.53 -4.34
N GLN B 129 20.56 7.85 -3.05
CA GLN B 129 21.65 7.25 -2.30
C GLN B 129 21.59 5.73 -2.35
N ALA B 130 20.41 5.17 -2.06
CA ALA B 130 20.23 3.72 -2.00
C ALA B 130 20.55 3.04 -3.30
N GLU B 131 20.39 3.75 -4.42
CA GLU B 131 20.63 3.17 -5.73
C GLU B 131 22.10 2.81 -5.95
N ASN B 132 22.99 3.34 -5.13
CA ASN B 132 24.42 3.11 -5.32
C ASN B 132 24.90 1.77 -4.77
N PHE B 133 24.03 0.98 -4.15
CA PHE B 133 24.46 -0.22 -3.45
C PHE B 133 23.76 -1.45 -3.99
N ALA B 134 24.30 -2.61 -3.61
CA ALA B 134 23.68 -3.90 -3.82
C ALA B 134 23.90 -4.76 -2.58
N TYR B 135 22.88 -5.49 -2.12
CA TYR B 135 22.97 -6.38 -0.95
C TYR B 135 22.74 -7.84 -1.35
N ARG B 136 23.29 -8.76 -0.55
CA ARG B 136 23.09 -10.18 -0.75
C ARG B 136 22.73 -10.89 0.56
N LEU B 137 21.63 -11.65 0.56
CA LEU B 137 21.25 -12.50 1.69
C LEU B 137 21.49 -13.98 1.37
N GLU B 138 22.14 -14.68 2.30
CA GLU B 138 22.45 -16.10 2.12
C GLU B 138 22.03 -16.90 3.33
N LEU B 139 21.21 -17.92 3.11
CA LEU B 139 21.00 -18.98 4.08
C LEU B 139 21.84 -20.17 3.64
N ASN B 140 22.72 -20.62 4.54
CA ASN B 140 23.71 -21.65 4.26
C ASN B 140 23.41 -22.88 5.11
N GLY B 141 23.20 -24.00 4.45
CA GLY B 141 23.06 -25.28 5.12
C GLY B 141 24.04 -26.28 4.55
N HIS B 142 23.71 -27.56 4.67
CA HIS B 142 24.62 -28.60 4.25
C HIS B 142 24.39 -28.92 2.78
N ARG B 143 25.32 -28.49 1.91
CA ARG B 143 25.25 -28.59 0.45
C ARG B 143 24.24 -27.62 -0.15
N ARG B 144 23.42 -27.01 0.67
CA ARG B 144 22.38 -26.12 0.20
C ARG B 144 22.85 -24.69 0.35
N ARG B 145 22.45 -23.85 -0.61
CA ARG B 145 22.57 -22.41 -0.43
C ARG B 145 21.43 -21.74 -1.19
N LEU B 146 20.78 -20.81 -0.51
CA LEU B 146 19.72 -19.97 -1.06
C LEU B 146 20.18 -18.52 -0.97
N THR B 147 20.08 -17.80 -2.08
CA THR B 147 20.65 -16.47 -2.13
C THR B 147 19.69 -15.50 -2.77
N TRP B 148 19.74 -14.26 -2.31
CA TRP B 148 18.91 -13.19 -2.83
C TRP B 148 19.79 -11.97 -2.92
N GLU B 149 19.86 -11.39 -4.12
CA GLU B 149 20.68 -10.22 -4.40
C GLU B 149 19.77 -9.16 -4.98
N ALA B 150 19.84 -7.96 -4.45
CA ALA B 150 18.94 -6.90 -4.87
C ALA B 150 19.56 -5.56 -4.52
N THR B 151 18.82 -4.48 -4.83
CA THR B 151 19.14 -3.12 -4.47
C THR B 151 18.37 -2.72 -3.24
N PRO B 152 19.05 -2.30 -2.17
CA PRO B 152 18.33 -2.01 -0.94
C PRO B 152 17.34 -0.89 -1.16
N ARG B 153 16.32 -0.90 -0.34
CA ARG B 153 15.35 0.17 -0.36
C ARG B 153 15.89 1.34 0.41
N SER B 154 15.45 2.52 0.06
CA SER B 154 15.64 3.66 0.94
C SER B 154 14.56 3.63 2.00
N ILE B 155 14.93 3.86 3.26
CA ILE B 155 13.89 3.96 4.29
C ILE B 155 12.86 5.03 3.96
N HIS B 156 13.14 5.90 3.00
CA HIS B 156 12.12 6.78 2.46
C HIS B 156 11.00 6.02 1.79
N GLU B 157 11.36 4.97 1.03
CA GLU B 157 10.36 4.13 0.40
C GLU B 157 9.76 3.17 1.43
N GLY B 158 10.55 2.77 2.42
CA GLY B 158 10.10 1.75 3.36
C GLY B 158 10.22 0.39 2.72
N ILE B 159 9.77 -0.63 3.45
CA ILE B 159 9.87 -1.99 2.93
C ILE B 159 8.52 -2.64 2.70
N ALA B 160 7.44 -2.05 3.18
CA ALA B 160 6.15 -2.75 3.10
C ALA B 160 5.80 -3.05 1.65
N THR B 161 5.93 -2.07 0.78
CA THR B 161 5.62 -2.35 -0.62
C THR B 161 6.46 -3.49 -1.15
N ALA B 162 7.76 -3.45 -0.87
CA ALA B 162 8.62 -4.52 -1.34
C ALA B 162 8.13 -5.87 -0.82
N ILE B 163 7.77 -5.94 0.47
CA ILE B 163 7.36 -7.21 1.04
C ILE B 163 6.06 -7.69 0.42
N MET B 164 5.07 -6.80 0.36
CA MET B 164 3.83 -7.10 -0.33
C MET B 164 4.08 -7.75 -1.68
N ASN B 165 5.06 -7.28 -2.41
CA ASN B 165 5.28 -7.86 -3.72
C ASN B 165 6.23 -9.02 -3.69
N SER B 166 6.66 -9.47 -2.50
CA SER B 166 7.66 -10.54 -2.38
C SER B 166 9.00 -10.14 -3.02
N ASP B 167 9.33 -8.84 -2.99
CA ASP B 167 10.56 -8.33 -3.62
C ASP B 167 11.71 -8.30 -2.62
N CYS B 168 12.07 -9.49 -2.17
CA CYS B 168 13.08 -9.70 -1.14
C CYS B 168 13.22 -11.19 -0.97
N LEU B 169 14.06 -11.62 -0.06
CA LEU B 169 14.19 -13.04 0.23
C LEU B 169 12.89 -13.50 0.86
N VAL B 170 12.27 -14.55 0.32
CA VAL B 170 11.01 -15.07 0.83
C VAL B 170 11.16 -16.57 1.02
N PHE B 171 10.80 -17.05 2.20
CA PHE B 171 10.89 -18.48 2.51
C PHE B 171 9.95 -18.80 3.65
N ASP B 172 9.44 -20.01 3.64
CA ASP B 172 8.44 -20.36 4.62
C ASP B 172 9.09 -21.15 5.77
N THR B 173 8.25 -21.81 6.58
CA THR B 173 8.73 -22.60 7.71
C THR B 173 9.60 -23.79 7.28
N SER B 174 9.26 -24.45 6.18
CA SER B 174 10.07 -25.59 5.74
C SER B 174 11.49 -25.15 5.45
N ILE B 175 11.66 -24.19 4.55
CA ILE B 175 13.01 -23.77 4.19
C ILE B 175 13.79 -23.36 5.44
N ALA B 176 13.16 -22.58 6.32
CA ALA B 176 13.87 -22.18 7.53
C ALA B 176 14.35 -23.41 8.30
N GLN B 177 13.47 -24.40 8.48
CA GLN B 177 13.85 -25.66 9.07
C GLN B 177 15.11 -26.23 8.41
N LEU B 178 15.19 -26.16 7.08
CA LEU B 178 16.38 -26.66 6.38
C LEU B 178 17.65 -26.02 6.92
N PHE B 179 17.63 -24.70 7.07
CA PHE B 179 18.87 -23.99 7.36
C PHE B 179 19.04 -23.70 8.83
N ALA B 180 18.07 -24.10 9.65
CA ALA B 180 18.05 -23.71 11.05
C ALA B 180 19.17 -24.37 11.82
N GLU B 181 19.83 -23.58 12.65
CA GLU B 181 20.88 -24.03 13.55
C GLU B 181 20.30 -23.97 14.96
N ASN B 182 20.01 -25.14 15.52
CA ASN B 182 19.16 -25.20 16.71
C ASN B 182 17.87 -24.46 16.40
N GLY B 183 17.57 -23.42 17.15
CA GLY B 183 16.38 -22.64 16.92
C GLY B 183 16.65 -21.36 16.18
N ASN B 184 17.84 -21.21 15.62
CA ASN B 184 18.36 -19.98 15.05
C ASN B 184 18.54 -20.10 13.54
N LEU B 185 18.58 -18.93 12.89
CA LEU B 185 18.77 -18.84 11.45
C LEU B 185 19.86 -17.84 11.16
N GLY B 186 20.95 -18.30 10.53
CA GLY B 186 22.04 -17.42 10.14
C GLY B 186 21.87 -16.88 8.73
N ILE B 187 21.88 -15.56 8.61
CA ILE B 187 21.72 -14.91 7.32
C ILE B 187 23.02 -14.20 6.99
N ASN B 188 23.73 -14.70 5.98
CA ASN B 188 24.88 -13.95 5.51
C ASN B 188 24.37 -12.69 4.83
N VAL B 189 24.99 -11.57 5.14
CA VAL B 189 24.56 -10.28 4.62
C VAL B 189 25.77 -9.57 4.11
N THR B 190 25.81 -9.36 2.81
CA THR B 190 26.96 -8.80 2.11
C THR B 190 26.50 -7.58 1.34
N ILE B 191 26.99 -6.41 1.72
CA ILE B 191 26.70 -5.15 1.05
C ILE B 191 27.89 -4.72 0.20
N SER B 192 27.62 -4.21 -0.99
CA SER B 192 28.65 -3.76 -1.90
C SER B 192 28.20 -2.50 -2.63
N MET B 193 29.15 -1.86 -3.33
CA MET B 193 28.87 -0.67 -4.15
C MET B 193 28.81 -1.06 -5.62
N CYS B 194 28.25 -0.16 -6.42
CA CYS B 194 28.10 -0.42 -7.84
C CYS B 194 27.89 0.89 -8.59
N GLU C 6 31.58 -12.15 15.42
CA GLU C 6 30.97 -11.09 14.58
C GLU C 6 29.69 -11.62 13.91
N MET C 7 28.89 -12.36 14.70
CA MET C 7 27.56 -12.79 14.29
C MET C 7 26.64 -12.61 15.50
N THR C 8 26.47 -11.35 15.90
CA THR C 8 25.80 -11.06 17.15
C THR C 8 24.37 -11.61 17.13
N PRO C 9 23.90 -12.20 18.24
CA PRO C 9 22.52 -12.69 18.29
C PRO C 9 21.53 -11.54 18.12
N VAL C 10 20.35 -11.87 17.61
CA VAL C 10 19.34 -10.87 17.29
C VAL C 10 17.99 -11.30 17.83
N GLU C 11 17.39 -10.42 18.67
CA GLU C 11 16.10 -10.46 19.35
C GLU C 11 14.94 -10.30 18.36
N PRO C 12 13.84 -11.06 18.56
CA PRO C 12 12.60 -10.81 17.79
C PRO C 12 11.60 -9.86 18.43
N ALA C 13 10.55 -9.51 17.68
CA ALA C 13 9.40 -8.76 18.20
C ALA C 13 9.77 -7.54 19.05
ZN ZN D . -8.32 -10.78 -23.59
ZN ZN E . -3.97 -2.29 -1.82
ZN ZN F . 7.27 18.01 -3.07
ZN ZN G . 10.43 5.94 15.14
#